data_6UT1
#
_entry.id   6UT1
#
_cell.length_a   66.530
_cell.length_b   66.840
_cell.length_c   87.100
_cell.angle_alpha   90.00
_cell.angle_beta   90.00
_cell.angle_gamma   90.00
#
_symmetry.space_group_name_H-M   'P 21 21 21'
#
loop_
_entity.id
_entity.type
_entity.pdbx_description
1 polymer 'HIV-1 LM/HS clade A/E CRF01 gp120 core'
2 non-polymer 2-acetamido-2-deoxy-beta-D-glucopyranose
3 non-polymer "~{N}'-[(1~{R},2~{R})-2-(carbamimidamidomethyl)-5-(methylaminomethyl)-2,3-dihydro-1~{H}-inden-1-yl]-~{N}-(4-chloranyl-3-fluoranyl-phenyl)ethanediamide"
4 non-polymer '4-(2-HYDROXYETHYL)-1-PIPERAZINE ETHANESULFONIC ACID'
5 water water
#
_entity_poly.entity_id   1
_entity_poly.type   'polypeptide(L)'
_entity_poly.pdbx_seq_one_letter_code
;VPVWKDADTTLFCASDAKAYETEVHNVWATHACVPTDPNPQEIHLENVTENFNMWKNNMVEQMHEDIISLWDQSLQPCVK
LTGGSVIKQACPKISFDPIPIHYCTPAGYVILKCNDKNFNGTGPCKNVSSVQCTHGIKPVVSTQLLLNGSLAEEEIIIRS
ENLTNNAKTIIVHLNKSVEINCTRPSNGGSGSGGDIRKAYCEINGTKWNKVLKQVTEKLKEHFNNKTIIFQPPSGGDLEI
TMHSFNCRGEFFYCNTTQLFNNTCIGNETMKGCNGTITLPCKIKQIINMWQGTGQAMYAPPIDGKINCVSNITGILLTRD
GGANNTSNETFRPGGGDMRDNWRSELYKYKVVQIE
;
_entity_poly.pdbx_strand_id   A
#
# COMPACT_ATOMS: atom_id res chain seq x y z
N VAL A 3 -10.03 -31.89 -2.26
CA VAL A 3 -10.79 -31.13 -3.26
C VAL A 3 -11.49 -29.96 -2.60
N TRP A 4 -11.68 -28.87 -3.34
CA TRP A 4 -12.08 -27.62 -2.73
C TRP A 4 -13.03 -26.83 -3.64
N LYS A 5 -13.49 -25.71 -3.09
CA LYS A 5 -14.51 -24.85 -3.66
C LYS A 5 -14.20 -23.41 -3.25
N ASP A 6 -14.57 -22.45 -4.09
CA ASP A 6 -14.39 -21.05 -3.74
C ASP A 6 -15.41 -20.67 -2.68
N ALA A 7 -14.94 -20.03 -1.60
CA ALA A 7 -15.84 -19.64 -0.53
C ALA A 7 -15.22 -18.53 0.29
N ASP A 8 -16.08 -17.67 0.81
CA ASP A 8 -15.72 -16.60 1.73
C ASP A 8 -15.94 -17.08 3.16
N THR A 9 -15.10 -16.59 4.07
CA THR A 9 -15.23 -16.96 5.47
C THR A 9 -14.54 -15.89 6.31
N THR A 10 -14.88 -15.86 7.59
CA THR A 10 -14.22 -14.93 8.50
C THR A 10 -12.83 -15.44 8.84
N LEU A 11 -11.85 -14.54 8.75
CA LEU A 11 -10.45 -14.84 8.98
C LEU A 11 -10.08 -14.39 10.39
N PHE A 12 -8.95 -14.90 10.86
CA PHE A 12 -8.34 -14.39 12.09
C PHE A 12 -6.89 -14.01 11.79
N CYS A 13 -6.38 -13.02 12.52
CA CYS A 13 -5.07 -12.46 12.30
C CYS A 13 -4.04 -13.03 13.28
N ALA A 14 -2.76 -13.04 12.87
CA ALA A 14 -1.65 -13.46 13.70
C ALA A 14 -0.52 -12.44 13.63
N SER A 15 0.34 -12.43 14.65
CA SER A 15 1.36 -11.40 14.71
C SER A 15 2.47 -11.76 15.68
N ASP A 16 3.64 -11.17 15.44
CA ASP A 16 4.80 -11.24 16.34
C ASP A 16 4.72 -10.17 17.41
N ALA A 17 3.54 -9.81 17.89
CA ALA A 17 3.40 -8.64 18.75
C ALA A 17 4.02 -8.88 20.12
N LYS A 18 4.58 -7.81 20.69
CA LYS A 18 5.16 -7.81 22.02
C LYS A 18 4.11 -7.42 23.04
N ALA A 19 3.92 -8.27 24.06
CA ALA A 19 2.97 -7.97 25.13
C ALA A 19 3.38 -6.76 25.96
N TYR A 20 4.67 -6.43 26.01
CA TYR A 20 5.16 -5.34 26.85
C TYR A 20 5.28 -4.01 26.10
N GLU A 21 5.01 -3.98 24.80
CA GLU A 21 5.16 -2.76 24.04
C GLU A 21 3.96 -1.83 24.24
N THR A 22 4.24 -0.53 24.27
CA THR A 22 3.21 0.49 24.22
C THR A 22 2.82 0.86 22.80
N GLU A 23 3.63 0.45 21.82
CA GLU A 23 3.39 0.77 20.41
C GLU A 23 2.01 0.28 19.98
N VAL A 24 1.27 1.13 19.27
CA VAL A 24 -0.17 0.92 19.10
C VAL A 24 -0.45 -0.32 18.24
N HIS A 25 0.37 -0.60 17.22
CA HIS A 25 0.17 -1.82 16.43
C HIS A 25 0.38 -3.05 17.30
N ASN A 26 1.41 -3.06 18.14
CA ASN A 26 1.61 -4.19 19.05
C ASN A 26 0.43 -4.34 20.00
N VAL A 27 -0.11 -3.24 20.50
CA VAL A 27 -1.18 -3.34 21.49
C VAL A 27 -2.45 -3.87 20.84
N TRP A 28 -2.74 -3.45 19.60
CA TRP A 28 -3.94 -3.95 18.92
C TRP A 28 -3.83 -5.44 18.66
N ALA A 29 -2.68 -5.90 18.16
CA ALA A 29 -2.50 -7.32 17.85
C ALA A 29 -2.31 -8.18 19.10
N THR A 30 -1.97 -7.59 20.25
CA THR A 30 -1.88 -8.36 21.48
C THR A 30 -3.26 -8.78 21.99
N HIS A 31 -4.31 -8.02 21.67
CA HIS A 31 -5.66 -8.37 22.10
C HIS A 31 -6.60 -8.73 20.95
N ALA A 32 -6.18 -8.59 19.69
CA ALA A 32 -7.03 -8.89 18.55
C ALA A 32 -6.51 -10.02 17.67
N CYS A 33 -5.28 -10.49 17.88
CA CYS A 33 -4.66 -11.48 17.01
C CYS A 33 -4.08 -12.59 17.88
N VAL A 34 -3.76 -13.71 17.24
CA VAL A 34 -3.15 -14.86 17.91
C VAL A 34 -1.64 -14.76 17.75
N PRO A 35 -0.84 -15.60 18.40
CA PRO A 35 0.59 -15.63 18.09
C PRO A 35 0.81 -16.36 16.78
N THR A 36 1.80 -15.91 16.03
CA THR A 36 2.10 -16.53 14.74
C THR A 36 2.32 -18.02 14.91
N ASP A 37 1.92 -18.79 13.89
CA ASP A 37 2.12 -20.24 13.95
C ASP A 37 3.58 -20.54 14.19
N PRO A 38 3.94 -21.20 15.30
CA PRO A 38 5.35 -21.50 15.55
C PRO A 38 5.98 -22.41 14.51
N ASN A 39 5.19 -23.13 13.72
CA ASN A 39 5.74 -23.98 12.68
C ASN A 39 4.73 -24.09 11.50
N PRO A 40 4.78 -23.06 10.65
CA PRO A 40 3.83 -23.09 9.50
C PRO A 40 4.21 -24.18 8.51
N GLN A 41 3.21 -24.62 7.75
CA GLN A 41 3.42 -25.66 6.75
C GLN A 41 2.78 -25.22 5.42
N GLU A 42 3.61 -25.02 4.41
CA GLU A 42 3.18 -24.81 3.04
C GLU A 42 3.28 -26.14 2.31
N ILE A 43 2.17 -26.57 1.68
CA ILE A 43 2.12 -27.82 0.93
C ILE A 43 1.91 -27.48 -0.54
N HIS A 44 2.89 -27.81 -1.37
CA HIS A 44 2.72 -27.60 -2.81
C HIS A 44 1.78 -28.64 -3.39
N LEU A 45 0.85 -28.16 -4.21
CA LEU A 45 -0.18 -29.01 -4.78
C LEU A 45 0.10 -29.21 -6.25
N GLU A 46 0.42 -30.46 -6.61
CA GLU A 46 0.86 -30.82 -7.96
C GLU A 46 -0.33 -31.24 -8.81
N ASN A 47 -0.14 -31.15 -10.12
CA ASN A 47 -1.17 -31.45 -11.11
C ASN A 47 -2.39 -30.54 -10.93
N VAL A 48 -2.18 -29.33 -10.42
CA VAL A 48 -3.28 -28.44 -10.05
C VAL A 48 -3.03 -27.06 -10.64
N THR A 49 -4.04 -26.53 -11.34
CA THR A 49 -4.04 -25.16 -11.82
C THR A 49 -5.31 -24.48 -11.32
N GLU A 50 -5.16 -23.27 -10.78
CA GLU A 50 -6.23 -22.55 -10.11
C GLU A 50 -6.37 -21.16 -10.69
N ASN A 51 -7.61 -20.66 -10.73
CA ASN A 51 -7.90 -19.33 -11.24
C ASN A 51 -8.00 -18.35 -10.07
N PHE A 52 -7.38 -17.18 -10.21
CA PHE A 52 -7.35 -16.17 -9.17
C PHE A 52 -7.87 -14.86 -9.72
N ASN A 53 -8.21 -13.96 -8.81
CA ASN A 53 -8.68 -12.62 -9.18
C ASN A 53 -8.53 -11.72 -7.96
N MET A 54 -7.51 -10.86 -7.98
CA MET A 54 -7.21 -9.99 -6.84
C MET A 54 -8.22 -8.87 -6.69
N TRP A 55 -8.92 -8.52 -7.76
CA TRP A 55 -9.87 -7.41 -7.74
C TRP A 55 -11.24 -7.81 -7.24
N LYS A 56 -11.46 -9.11 -7.00
CA LYS A 56 -12.70 -9.63 -6.44
C LYS A 56 -12.33 -10.65 -5.38
N ASN A 57 -11.64 -10.21 -4.33
CA ASN A 57 -11.06 -11.07 -3.31
C ASN A 57 -11.49 -10.56 -1.95
N ASN A 58 -12.26 -11.36 -1.22
CA ASN A 58 -12.83 -10.89 0.03
C ASN A 58 -11.78 -10.72 1.11
N MET A 59 -10.60 -11.30 0.94
CA MET A 59 -9.52 -11.06 1.88
C MET A 59 -9.17 -9.58 1.96
N VAL A 60 -9.27 -8.85 0.85
CA VAL A 60 -8.91 -7.43 0.87
C VAL A 60 -9.86 -6.65 1.77
N GLU A 61 -11.17 -6.90 1.62
CA GLU A 61 -12.17 -6.15 2.38
C GLU A 61 -12.14 -6.48 3.87
N GLN A 62 -11.62 -7.66 4.23
CA GLN A 62 -11.51 -8.05 5.64
C GLN A 62 -10.30 -7.41 6.31
N MET A 63 -9.17 -7.36 5.61
CA MET A 63 -8.01 -6.66 6.14
C MET A 63 -8.28 -5.16 6.23
N HIS A 64 -8.95 -4.61 5.21
CA HIS A 64 -9.40 -3.23 5.26
C HIS A 64 -10.18 -2.97 6.54
N GLU A 65 -11.13 -3.84 6.86
CA GLU A 65 -11.91 -3.69 8.09
C GLU A 65 -11.01 -3.67 9.31
N ASP A 66 -9.98 -4.53 9.33
CA ASP A 66 -9.08 -4.58 10.48
C ASP A 66 -8.34 -3.27 10.67
N ILE A 67 -7.79 -2.71 9.58
CA ILE A 67 -6.95 -1.52 9.72
C ILE A 67 -7.81 -0.32 10.09
N ILE A 68 -9.04 -0.26 9.59
CA ILE A 68 -9.99 0.75 10.06
C ILE A 68 -10.07 0.72 11.57
N SER A 69 -10.24 -0.47 12.14
CA SER A 69 -10.49 -0.62 13.57
C SER A 69 -9.23 -0.40 14.39
N LEU A 70 -8.08 -0.88 13.88
CA LEU A 70 -6.80 -0.60 14.53
C LEU A 70 -6.55 0.90 14.62
N TRP A 71 -6.89 1.65 13.56
CA TRP A 71 -6.64 3.09 13.53
C TRP A 71 -7.58 3.85 14.44
N ASP A 72 -8.86 3.47 14.49
CA ASP A 72 -9.79 4.17 15.35
C ASP A 72 -9.56 3.87 16.83
N GLN A 73 -8.89 2.77 17.16
CA GLN A 73 -8.54 2.44 18.53
C GLN A 73 -7.23 3.06 18.97
N SER A 74 -6.36 3.42 18.03
CA SER A 74 -4.98 3.80 18.32
C SER A 74 -4.71 5.27 18.11
N LEU A 75 -5.18 5.84 17.00
CA LEU A 75 -5.03 7.25 16.71
C LEU A 75 -6.15 8.02 17.37
N GLN A 76 -5.80 8.86 18.34
CA GLN A 76 -6.76 9.71 19.02
C GLN A 76 -6.54 11.16 18.61
N PRO A 77 -7.33 11.67 17.67
CA PRO A 77 -7.24 13.09 17.34
C PRO A 77 -7.87 13.95 18.41
N CYS A 78 -7.39 15.20 18.47
CA CYS A 78 -8.00 16.21 19.32
C CYS A 78 -9.47 16.41 18.94
N VAL A 79 -9.72 16.71 17.67
CA VAL A 79 -11.05 17.02 17.17
C VAL A 79 -11.34 16.16 15.95
N LYS A 80 -12.53 15.57 15.94
CA LYS A 80 -13.06 14.82 14.80
C LYS A 80 -14.31 15.52 14.30
N LEU A 81 -14.42 15.65 12.99
CA LEU A 81 -15.51 16.38 12.33
C LEU A 81 -16.20 15.41 11.40
N THR A 82 -17.17 14.67 11.92
CA THR A 82 -17.88 13.64 11.18
C THR A 82 -19.36 14.01 11.10
N GLY A 83 -19.95 13.88 9.91
CA GLY A 83 -21.37 14.10 9.64
C GLY A 83 -22.06 15.20 10.43
N GLY A 84 -21.40 16.34 10.57
CA GLY A 84 -21.92 17.43 11.38
C GLY A 84 -21.47 17.42 12.82
N SER A 85 -21.38 16.22 13.41
CA SER A 85 -20.84 16.10 14.75
C SER A 85 -19.42 16.65 14.81
N VAL A 86 -19.00 17.02 16.01
CA VAL A 86 -17.67 17.54 16.25
C VAL A 86 -17.24 16.95 17.58
N ILE A 87 -16.34 15.98 17.55
CA ILE A 87 -15.94 15.23 18.73
C ILE A 87 -14.64 15.81 19.28
N LYS A 88 -14.67 16.31 20.51
CA LYS A 88 -13.46 16.76 21.20
C LYS A 88 -12.96 15.61 22.08
N GLN A 89 -11.65 15.37 22.04
CA GLN A 89 -11.05 14.23 22.71
C GLN A 89 -9.72 14.64 23.31
N ALA A 90 -9.09 13.70 24.00
CA ALA A 90 -7.68 13.83 24.37
C ALA A 90 -6.83 13.31 23.22
N CYS A 91 -5.63 13.88 23.07
CA CYS A 91 -4.75 13.60 21.94
C CYS A 91 -3.29 13.56 22.40
N PRO A 92 -2.93 12.58 23.24
CA PRO A 92 -1.51 12.39 23.55
C PRO A 92 -0.78 11.89 22.32
N LYS A 93 0.53 12.14 22.28
CA LYS A 93 1.36 11.56 21.24
C LYS A 93 1.53 10.08 21.52
N ILE A 94 1.54 9.27 20.45
CA ILE A 94 1.62 7.83 20.57
C ILE A 94 2.93 7.35 19.95
N SER A 95 3.19 6.06 20.03
CA SER A 95 4.31 5.44 19.33
C SER A 95 3.72 4.59 18.21
N PHE A 96 4.17 4.86 16.99
CA PHE A 96 3.56 4.35 15.77
C PHE A 96 4.64 3.72 14.89
N ASP A 97 4.48 2.45 14.58
CA ASP A 97 5.42 1.69 13.76
C ASP A 97 4.79 0.35 13.39
N PRO A 98 4.26 0.20 12.17
CA PRO A 98 3.47 -0.98 11.84
C PRO A 98 4.27 -2.28 11.89
N ILE A 99 3.60 -3.36 12.30
CA ILE A 99 4.18 -4.69 12.38
C ILE A 99 3.44 -5.59 11.42
N PRO A 100 4.02 -6.71 10.97
CA PRO A 100 3.32 -7.58 10.01
C PRO A 100 2.15 -8.30 10.65
N ILE A 101 1.06 -8.40 9.89
CA ILE A 101 -0.13 -9.15 10.29
C ILE A 101 -0.25 -10.34 9.35
N HIS A 102 -0.60 -11.50 9.90
CA HIS A 102 -0.86 -12.70 9.13
C HIS A 102 -2.35 -12.99 9.16
N TYR A 103 -2.90 -13.42 8.03
CA TYR A 103 -4.32 -13.74 7.92
C TYR A 103 -4.49 -15.24 7.69
N CYS A 104 -5.37 -15.84 8.48
CA CYS A 104 -5.40 -17.28 8.68
C CYS A 104 -6.84 -17.78 8.59
N THR A 105 -7.01 -18.89 7.91
CA THR A 105 -8.30 -19.54 7.76
C THR A 105 -8.64 -20.38 8.98
N PRO A 106 -9.92 -20.52 9.30
CA PRO A 106 -10.34 -21.47 10.33
C PRO A 106 -10.51 -22.87 9.79
N ALA A 107 -11.00 -23.78 10.62
CA ALA A 107 -11.10 -25.18 10.22
C ALA A 107 -12.12 -25.37 9.10
N GLY A 108 -11.79 -26.25 8.17
CA GLY A 108 -12.63 -26.50 7.01
C GLY A 108 -12.26 -25.70 5.79
N TYR A 109 -11.60 -24.56 5.98
CA TYR A 109 -11.13 -23.71 4.88
C TYR A 109 -9.61 -23.74 4.84
N VAL A 110 -9.06 -23.17 3.77
CA VAL A 110 -7.62 -23.10 3.57
C VAL A 110 -7.32 -21.97 2.59
N ILE A 111 -6.03 -21.63 2.46
CA ILE A 111 -5.59 -20.53 1.62
C ILE A 111 -4.73 -21.10 0.50
N LEU A 112 -5.15 -20.87 -0.74
CA LEU A 112 -4.35 -21.23 -1.90
C LEU A 112 -3.43 -20.08 -2.28
N LYS A 113 -2.18 -20.41 -2.59
CA LYS A 113 -1.11 -19.46 -2.89
C LYS A 113 -0.71 -19.58 -4.34
N CYS A 114 -0.62 -18.45 -5.04
CA CYS A 114 -0.10 -18.45 -6.40
C CYS A 114 1.41 -18.24 -6.34
N ASN A 115 2.16 -19.15 -6.96
CA ASN A 115 3.61 -19.10 -6.93
C ASN A 115 4.23 -18.74 -8.28
N ASP A 116 3.42 -18.57 -9.32
CA ASP A 116 3.93 -18.05 -10.58
C ASP A 116 4.62 -16.72 -10.34
N LYS A 117 5.84 -16.59 -10.83
CA LYS A 117 6.61 -15.39 -10.52
C LYS A 117 6.12 -14.16 -11.28
N ASN A 118 5.53 -14.33 -12.46
CA ASN A 118 5.04 -13.21 -13.26
C ASN A 118 3.52 -13.21 -13.38
N PHE A 119 2.85 -13.81 -12.41
CA PHE A 119 1.40 -13.81 -12.33
C PHE A 119 0.90 -12.38 -12.13
N ASN A 120 0.00 -11.93 -13.02
CA ASN A 120 -0.38 -10.52 -13.01
C ASN A 120 -1.53 -10.20 -12.05
N GLY A 121 -2.23 -11.20 -11.52
CA GLY A 121 -3.27 -10.94 -10.55
C GLY A 121 -4.63 -11.54 -10.87
N THR A 122 -4.95 -11.67 -12.16
CA THR A 122 -6.16 -12.33 -12.60
C THR A 122 -5.80 -13.44 -13.58
N GLY A 123 -6.55 -14.54 -13.51
CA GLY A 123 -6.33 -15.65 -14.41
C GLY A 123 -5.75 -16.86 -13.70
N PRO A 124 -5.19 -17.78 -14.47
CA PRO A 124 -4.77 -19.08 -13.92
C PRO A 124 -3.35 -19.09 -13.39
N CYS A 125 -3.15 -19.95 -12.39
CA CYS A 125 -1.86 -20.18 -11.76
C CYS A 125 -1.66 -21.69 -11.71
N LYS A 126 -0.52 -22.16 -12.23
CA LYS A 126 -0.25 -23.59 -12.27
C LYS A 126 0.68 -24.04 -11.15
N ASN A 127 1.48 -23.14 -10.59
CA ASN A 127 2.28 -23.45 -9.41
C ASN A 127 1.53 -22.92 -8.20
N VAL A 128 0.70 -23.76 -7.60
CA VAL A 128 -0.16 -23.38 -6.48
C VAL A 128 0.25 -24.18 -5.26
N SER A 129 0.30 -23.51 -4.11
CA SER A 129 0.55 -24.16 -2.83
C SER A 129 -0.67 -23.96 -1.93
N SER A 130 -0.57 -24.47 -0.71
CA SER A 130 -1.62 -24.36 0.29
C SER A 130 -0.99 -23.93 1.61
N VAL A 131 -1.59 -22.94 2.27
CA VAL A 131 -1.08 -22.43 3.53
C VAL A 131 -2.25 -22.27 4.49
N GLN A 132 -1.93 -22.26 5.79
CA GLN A 132 -2.92 -22.00 6.82
C GLN A 132 -2.99 -20.53 7.19
N CYS A 133 -1.90 -19.79 6.95
CA CYS A 133 -1.85 -18.35 7.16
C CYS A 133 -1.09 -17.73 5.99
N THR A 134 -1.41 -16.49 5.68
CA THR A 134 -0.60 -15.74 4.72
C THR A 134 0.74 -15.43 5.36
N HIS A 135 1.62 -14.77 4.59
CA HIS A 135 2.86 -14.26 5.14
C HIS A 135 2.59 -12.97 5.92
N GLY A 136 3.64 -12.41 6.51
CA GLY A 136 3.47 -11.21 7.32
C GLY A 136 3.31 -9.99 6.44
N ILE A 137 2.20 -9.26 6.62
CA ILE A 137 1.86 -8.10 5.81
C ILE A 137 1.80 -6.88 6.71
N LYS A 138 2.41 -5.78 6.25
CA LYS A 138 2.42 -4.54 7.00
C LYS A 138 1.32 -3.63 6.49
N PRO A 139 0.38 -3.18 7.34
CA PRO A 139 -0.70 -2.29 6.88
C PRO A 139 -0.26 -0.84 6.80
N VAL A 140 0.55 -0.52 5.79
CA VAL A 140 1.09 0.82 5.62
C VAL A 140 0.11 1.65 4.80
N VAL A 141 -0.36 2.75 5.39
CA VAL A 141 -1.31 3.65 4.73
C VAL A 141 -0.53 4.73 3.97
N SER A 142 -0.77 4.85 2.66
CA SER A 142 -0.04 5.85 1.88
C SER A 142 -0.73 6.07 0.53
N THR A 143 -0.31 7.14 -0.15
CA THR A 143 -0.78 7.48 -1.49
C THR A 143 0.41 7.59 -2.44
N GLN A 144 0.12 7.41 -3.73
CA GLN A 144 1.10 7.52 -4.83
C GLN A 144 2.18 6.45 -4.78
N LEU A 145 2.79 6.22 -3.62
CA LEU A 145 3.84 5.24 -3.47
C LEU A 145 3.44 4.20 -2.44
N LEU A 146 3.72 2.92 -2.74
CA LEU A 146 3.45 1.82 -1.83
C LEU A 146 4.75 1.53 -1.10
N LEU A 147 4.72 1.56 0.23
CA LEU A 147 5.95 1.51 1.02
C LEU A 147 6.03 0.26 1.86
N ASN A 148 7.28 -0.15 2.15
CA ASN A 148 7.58 -1.23 3.10
C ASN A 148 6.81 -2.50 2.79
N GLY A 149 6.52 -2.73 1.53
CA GLY A 149 5.89 -3.95 1.10
C GLY A 149 6.87 -4.94 0.55
N SER A 150 6.36 -5.89 -0.19
CA SER A 150 7.14 -6.93 -0.82
C SER A 150 7.32 -6.63 -2.31
N LEU A 151 8.28 -7.31 -2.92
CA LEU A 151 8.67 -7.04 -4.29
C LEU A 151 8.27 -8.17 -5.23
N ALA A 152 8.10 -7.80 -6.49
CA ALA A 152 7.95 -8.79 -7.55
C ALA A 152 9.23 -9.59 -7.67
N GLU A 153 9.09 -10.91 -7.85
CA GLU A 153 10.26 -11.79 -7.83
C GLU A 153 11.14 -11.58 -9.06
N GLU A 154 10.53 -11.44 -10.23
CA GLU A 154 11.28 -11.33 -11.48
C GLU A 154 11.06 -9.99 -12.15
N GLU A 155 10.02 -9.90 -12.96
CA GLU A 155 9.71 -8.74 -13.77
C GLU A 155 8.89 -7.73 -12.98
N ILE A 156 8.92 -6.48 -13.43
CA ILE A 156 7.94 -5.51 -12.99
C ILE A 156 6.57 -5.95 -13.52
N ILE A 157 5.57 -5.95 -12.65
CA ILE A 157 4.25 -6.47 -12.98
C ILE A 157 3.24 -5.33 -12.97
N ILE A 158 2.44 -5.25 -14.02
CA ILE A 158 1.36 -4.28 -14.12
C ILE A 158 0.07 -5.00 -13.74
N ARG A 159 -0.64 -4.47 -12.76
CA ARG A 159 -1.85 -5.08 -12.22
C ARG A 159 -3.00 -4.11 -12.35
N SER A 160 -4.06 -4.51 -13.06
CA SER A 160 -5.25 -3.68 -13.16
C SER A 160 -6.43 -4.57 -13.52
N GLU A 161 -7.62 -4.15 -13.09
CA GLU A 161 -8.85 -4.87 -13.41
C GLU A 161 -9.20 -4.77 -14.88
N ASN A 162 -8.90 -3.62 -15.51
CA ASN A 162 -9.24 -3.41 -16.91
C ASN A 162 -8.40 -2.25 -17.41
N LEU A 163 -7.29 -2.58 -18.08
CA LEU A 163 -6.38 -1.57 -18.58
C LEU A 163 -7.04 -0.61 -19.57
N THR A 164 -8.23 -0.93 -20.05
CA THR A 164 -8.95 -0.07 -20.97
C THR A 164 -9.80 0.96 -20.24
N ASN A 165 -10.29 0.64 -19.05
CA ASN A 165 -10.96 1.62 -18.21
C ASN A 165 -9.91 2.55 -17.62
N ASN A 166 -10.03 3.84 -17.90
CA ASN A 166 -9.06 4.81 -17.41
C ASN A 166 -9.32 5.22 -15.97
N ALA A 167 -10.50 4.94 -15.43
CA ALA A 167 -10.77 5.13 -14.01
C ALA A 167 -10.44 3.90 -13.17
N LYS A 168 -9.92 2.85 -13.80
CA LYS A 168 -9.44 1.68 -13.09
C LYS A 168 -7.98 1.91 -12.70
N THR A 169 -7.68 1.85 -11.40
CA THR A 169 -6.34 2.15 -10.93
C THR A 169 -5.35 1.08 -11.36
N ILE A 170 -4.10 1.51 -11.58
CA ILE A 170 -3.02 0.62 -11.97
C ILE A 170 -2.08 0.44 -10.78
N ILE A 171 -1.68 -0.80 -10.52
CA ILE A 171 -0.68 -1.10 -9.49
C ILE A 171 0.57 -1.62 -10.17
N VAL A 172 1.66 -0.89 -10.01
CA VAL A 172 2.96 -1.28 -10.55
C VAL A 172 3.76 -1.91 -9.43
N HIS A 173 4.09 -3.20 -9.59
CA HIS A 173 4.87 -3.95 -8.61
C HIS A 173 6.32 -4.01 -9.07
N LEU A 174 7.20 -3.30 -8.37
CA LEU A 174 8.61 -3.28 -8.73
C LEU A 174 9.29 -4.58 -8.28
N ASN A 175 10.41 -4.88 -8.93
CA ASN A 175 11.31 -5.93 -8.47
C ASN A 175 12.54 -5.38 -7.76
N LYS A 176 12.79 -4.08 -7.84
CA LYS A 176 13.91 -3.43 -7.19
C LYS A 176 13.35 -2.28 -6.37
N SER A 177 13.53 -2.35 -5.04
CA SER A 177 13.03 -1.28 -4.18
C SER A 177 13.93 -0.07 -4.23
N VAL A 178 13.33 1.10 -4.08
CA VAL A 178 14.05 2.35 -4.01
C VAL A 178 13.79 2.97 -2.65
N GLU A 179 14.85 3.38 -1.96
CA GLU A 179 14.72 3.97 -0.64
C GLU A 179 14.24 5.42 -0.73
N ILE A 180 13.43 5.80 0.25
CA ILE A 180 13.02 7.19 0.43
C ILE A 180 13.20 7.52 1.91
N ASN A 181 14.02 8.54 2.18
CA ASN A 181 14.48 8.88 3.53
C ASN A 181 13.85 10.23 3.90
N CYS A 182 12.79 10.20 4.70
CA CYS A 182 11.98 11.38 4.99
C CYS A 182 12.25 11.84 6.42
N THR A 183 12.47 13.15 6.59
CA THR A 183 12.93 13.65 7.89
C THR A 183 12.40 15.05 8.17
N ARG A 184 12.05 15.29 9.44
CA ARG A 184 11.82 16.61 10.02
C ARG A 184 12.94 16.83 11.03
N PRO A 185 13.92 17.69 10.76
CA PRO A 185 15.05 17.82 11.69
C PRO A 185 14.76 18.68 12.90
N SER A 186 15.78 18.87 13.74
CA SER A 186 15.69 19.76 14.90
C SER A 186 16.32 21.11 14.59
N ASP A 195 10.16 27.20 11.28
CA ASP A 195 8.97 26.38 11.11
C ASP A 195 9.23 24.92 11.42
N ILE A 196 8.53 24.38 12.43
CA ILE A 196 8.76 23.02 12.90
C ILE A 196 8.07 21.97 12.04
N ARG A 197 7.21 22.37 11.12
CA ARG A 197 6.50 21.46 10.24
C ARG A 197 7.19 21.28 8.89
N LYS A 198 8.34 21.92 8.68
CA LYS A 198 9.05 21.77 7.41
C LYS A 198 9.84 20.46 7.42
N ALA A 199 9.66 19.66 6.38
CA ALA A 199 10.26 18.33 6.28
C ALA A 199 10.73 18.10 4.85
N TYR A 200 11.48 17.03 4.64
CA TYR A 200 11.98 16.71 3.31
C TYR A 200 12.25 15.21 3.17
N CYS A 201 12.47 14.77 1.93
CA CYS A 201 12.70 13.37 1.59
C CYS A 201 13.84 13.27 0.58
N GLU A 202 14.77 12.36 0.83
CA GLU A 202 15.93 12.16 -0.03
C GLU A 202 15.73 10.87 -0.83
N ILE A 203 16.01 10.93 -2.12
CA ILE A 203 15.85 9.79 -3.01
C ILE A 203 17.02 9.77 -3.99
N ASN A 204 17.57 8.59 -4.22
CA ASN A 204 18.54 8.39 -5.28
C ASN A 204 17.86 8.62 -6.62
N GLY A 205 18.09 9.79 -7.21
CA GLY A 205 17.63 10.00 -8.58
C GLY A 205 18.24 9.01 -9.54
N THR A 206 19.48 8.60 -9.28
CA THR A 206 20.13 7.58 -10.09
C THR A 206 19.28 6.32 -10.16
N LYS A 207 18.87 5.80 -9.00
CA LYS A 207 18.06 4.59 -8.99
C LYS A 207 16.62 4.87 -9.39
N TRP A 208 16.08 6.02 -9.00
CA TRP A 208 14.69 6.30 -9.33
C TRP A 208 14.48 6.38 -10.84
N ASN A 209 15.30 7.17 -11.53
CA ASN A 209 15.07 7.40 -12.96
C ASN A 209 15.34 6.15 -13.79
N LYS A 210 16.18 5.25 -13.29
CA LYS A 210 16.41 3.99 -14.00
C LYS A 210 15.21 3.06 -13.83
N VAL A 211 14.73 2.92 -12.59
CA VAL A 211 13.52 2.14 -12.36
C VAL A 211 12.33 2.78 -13.05
N LEU A 212 12.26 4.11 -13.07
CA LEU A 212 11.14 4.77 -13.74
C LEU A 212 11.17 4.50 -15.24
N LYS A 213 12.37 4.48 -15.83
CA LYS A 213 12.49 4.17 -17.25
C LYS A 213 12.14 2.72 -17.52
N GLN A 214 12.46 1.83 -16.58
CA GLN A 214 12.10 0.43 -16.75
C GLN A 214 10.60 0.23 -16.71
N VAL A 215 9.90 1.05 -15.93
CA VAL A 215 8.46 0.90 -15.80
C VAL A 215 7.74 1.46 -17.02
N THR A 216 8.30 2.49 -17.67
CA THR A 216 7.65 2.99 -18.88
C THR A 216 7.87 2.03 -20.04
N GLU A 217 8.99 1.30 -20.03
CA GLU A 217 9.14 0.19 -20.98
C GLU A 217 8.03 -0.82 -20.79
N LYS A 218 7.73 -1.15 -19.53
CA LYS A 218 6.66 -2.11 -19.26
C LYS A 218 5.30 -1.58 -19.69
N LEU A 219 5.07 -0.27 -19.59
CA LEU A 219 3.78 0.29 -19.98
C LEU A 219 3.63 0.33 -21.50
N LYS A 220 4.74 0.44 -22.23
CA LYS A 220 4.70 0.33 -23.68
C LYS A 220 4.21 -1.05 -24.12
N GLU A 221 4.55 -2.11 -23.37
CA GLU A 221 4.11 -3.45 -23.75
C GLU A 221 2.59 -3.57 -23.69
N HIS A 222 1.97 -2.96 -22.68
CA HIS A 222 0.54 -3.11 -22.46
C HIS A 222 -0.30 -2.12 -23.24
N PHE A 223 0.31 -1.13 -23.90
CA PHE A 223 -0.41 -0.05 -24.56
C PHE A 223 0.17 0.19 -25.96
N ASN A 224 0.45 -0.90 -26.67
CA ASN A 224 0.80 -0.88 -28.10
C ASN A 224 1.94 0.09 -28.39
N ASN A 225 3.02 -0.04 -27.63
CA ASN A 225 4.32 0.59 -27.93
C ASN A 225 4.26 2.11 -27.91
N LYS A 226 3.21 2.68 -27.38
CA LYS A 226 2.95 4.11 -27.50
C LYS A 226 3.89 4.90 -26.59
N THR A 227 3.76 6.22 -26.60
CA THR A 227 4.62 7.07 -25.80
C THR A 227 4.04 7.26 -24.40
N ILE A 228 4.81 6.91 -23.38
CA ILE A 228 4.36 6.96 -22.00
C ILE A 228 4.81 8.29 -21.38
N ILE A 229 3.87 9.05 -20.85
CA ILE A 229 4.14 10.37 -20.30
C ILE A 229 3.69 10.39 -18.84
N PHE A 230 4.58 10.81 -17.96
CA PHE A 230 4.27 10.94 -16.54
C PHE A 230 3.98 12.39 -16.19
N GLN A 231 2.95 12.59 -15.38
CA GLN A 231 2.44 13.92 -15.08
C GLN A 231 1.96 13.94 -13.62
N PRO A 232 2.00 15.10 -12.99
CA PRO A 232 1.54 15.20 -11.59
C PRO A 232 0.03 15.12 -11.52
N PRO A 233 -0.52 14.85 -10.34
CA PRO A 233 -1.98 14.79 -10.20
C PRO A 233 -2.63 16.09 -10.63
N SER A 234 -3.70 15.98 -11.42
CA SER A 234 -4.41 17.13 -11.98
C SER A 234 -5.55 17.57 -11.09
N GLY A 235 -5.40 17.52 -9.77
CA GLY A 235 -6.40 18.02 -8.85
C GLY A 235 -6.76 17.01 -7.79
N GLY A 236 -7.51 17.49 -6.81
CA GLY A 236 -7.94 16.71 -5.67
C GLY A 236 -7.53 17.39 -4.39
N ASP A 237 -7.79 16.69 -3.29
CA ASP A 237 -7.29 17.15 -2.00
C ASP A 237 -5.81 16.83 -1.87
N LEU A 238 -5.16 17.56 -0.97
CA LEU A 238 -3.74 17.39 -0.71
C LEU A 238 -3.37 15.93 -0.43
N GLU A 239 -4.32 15.12 0.05
CA GLU A 239 -4.02 13.74 0.38
C GLU A 239 -3.65 12.93 -0.87
N ILE A 240 -4.20 13.27 -2.03
CA ILE A 240 -3.87 12.56 -3.27
C ILE A 240 -3.02 13.39 -4.22
N THR A 241 -2.95 14.71 -4.05
CA THR A 241 -2.01 15.48 -4.84
C THR A 241 -0.57 15.30 -4.37
N MET A 242 -0.39 15.00 -3.09
CA MET A 242 0.92 14.71 -2.52
C MET A 242 1.02 13.24 -2.17
N HIS A 243 2.25 12.76 -1.98
CA HIS A 243 2.51 11.43 -1.44
C HIS A 243 2.45 11.55 0.07
N SER A 244 1.42 10.97 0.67
CA SER A 244 1.15 11.15 2.09
C SER A 244 1.24 9.82 2.82
N PHE A 245 1.75 9.88 4.05
CA PHE A 245 2.03 8.70 4.86
C PHE A 245 2.20 9.15 6.30
N ASN A 246 2.08 8.19 7.21
CA ASN A 246 2.27 8.46 8.63
C ASN A 246 3.66 7.95 9.03
N CYS A 247 4.45 8.83 9.64
CA CYS A 247 5.80 8.54 10.11
C CYS A 247 5.87 8.76 11.61
N ARG A 248 5.82 7.68 12.39
CA ARG A 248 5.91 7.73 13.85
C ARG A 248 4.76 8.54 14.46
N GLY A 249 3.61 8.56 13.80
CA GLY A 249 2.44 9.23 14.30
C GLY A 249 2.19 10.59 13.68
N GLU A 250 3.12 11.10 12.89
CA GLU A 250 2.98 12.40 12.23
C GLU A 250 2.62 12.20 10.78
N PHE A 251 1.68 12.99 10.29
CA PHE A 251 1.18 12.87 8.93
C PHE A 251 2.03 13.73 8.00
N PHE A 252 2.76 13.09 7.10
CA PHE A 252 3.61 13.77 6.15
C PHE A 252 2.90 13.92 4.81
N TYR A 253 3.22 15.02 4.11
CA TYR A 253 2.65 15.35 2.81
C TYR A 253 3.78 15.85 1.92
N CYS A 254 4.16 15.07 0.92
CA CYS A 254 5.38 15.31 0.18
C CYS A 254 5.06 15.56 -1.30
N ASN A 255 5.67 16.60 -1.85
CA ASN A 255 5.53 16.94 -3.26
C ASN A 255 6.44 16.04 -4.09
N THR A 256 5.85 15.28 -5.02
CA THR A 256 6.58 14.27 -5.79
C THR A 256 6.65 14.60 -7.28
N THR A 257 6.50 15.88 -7.66
CA THR A 257 6.58 16.21 -9.09
C THR A 257 7.97 15.95 -9.67
N GLN A 258 9.01 15.95 -8.85
CA GLN A 258 10.34 15.66 -9.39
C GLN A 258 10.51 14.20 -9.75
N LEU A 259 9.68 13.32 -9.21
CA LEU A 259 9.67 11.92 -9.61
C LEU A 259 8.74 11.66 -10.77
N PHE A 260 7.64 12.40 -10.89
CA PHE A 260 6.67 12.16 -11.96
C PHE A 260 6.78 13.22 -13.03
N ASN A 261 7.83 13.01 -13.81
CA ASN A 261 8.56 14.01 -14.55
C ASN A 261 9.30 13.28 -15.66
N ASN A 262 9.35 13.90 -16.83
CA ASN A 262 9.78 13.16 -18.01
C ASN A 262 11.14 13.61 -18.52
N THR A 263 11.66 14.76 -18.06
CA THR A 263 13.05 15.22 -18.22
C THR A 263 14.02 14.08 -18.42
N CYS A 264 14.22 13.38 -17.33
CA CYS A 264 15.25 12.40 -17.14
C CYS A 264 14.64 11.04 -17.33
N GLY A 272 22.73 15.70 -16.10
CA GLY A 272 22.39 16.89 -15.32
C GLY A 272 21.45 16.60 -14.17
N CYS A 273 21.06 15.34 -14.04
CA CYS A 273 20.13 14.92 -12.99
C CYS A 273 20.44 13.46 -12.67
N ASN A 274 21.26 13.24 -11.65
CA ASN A 274 21.64 11.88 -11.28
C ASN A 274 22.16 11.82 -9.86
N GLY A 275 21.87 12.84 -9.06
CA GLY A 275 22.26 12.83 -7.67
C GLY A 275 21.11 12.50 -6.76
N THR A 276 20.96 13.26 -5.68
CA THR A 276 19.88 13.06 -4.74
C THR A 276 18.75 14.04 -5.02
N ILE A 277 17.53 13.52 -5.06
CA ILE A 277 16.33 14.34 -5.19
C ILE A 277 15.83 14.67 -3.80
N THR A 278 15.49 15.93 -3.57
CA THR A 278 15.00 16.36 -2.27
C THR A 278 13.57 16.86 -2.45
N LEU A 279 12.61 16.05 -2.02
CA LEU A 279 11.20 16.38 -2.09
C LEU A 279 10.79 17.27 -0.92
N PRO A 280 10.05 18.34 -1.16
CA PRO A 280 9.54 19.14 -0.04
C PRO A 280 8.37 18.45 0.63
N CYS A 281 8.31 18.57 1.95
CA CYS A 281 7.29 17.91 2.74
C CYS A 281 6.78 18.85 3.81
N LYS A 282 5.57 18.58 4.29
CA LYS A 282 5.04 19.31 5.43
C LYS A 282 4.29 18.33 6.32
N ILE A 283 4.40 18.53 7.63
CA ILE A 283 3.62 17.78 8.60
C ILE A 283 2.31 18.51 8.81
N LYS A 284 1.19 17.86 8.50
CA LYS A 284 -0.12 18.46 8.63
C LYS A 284 -0.81 17.93 9.87
N GLN A 285 -1.50 18.81 10.58
CA GLN A 285 -2.29 18.43 11.75
C GLN A 285 -3.75 18.16 11.41
N ILE A 286 -4.29 18.84 10.41
CA ILE A 286 -5.65 18.59 9.93
C ILE A 286 -5.52 17.74 8.68
N ILE A 287 -6.24 16.62 8.63
CA ILE A 287 -6.17 15.70 7.50
C ILE A 287 -7.58 15.25 7.14
N ASN A 288 -7.76 14.89 5.87
CA ASN A 288 -8.97 14.20 5.43
C ASN A 288 -8.73 12.71 5.61
N MET A 289 -9.54 12.07 6.44
CA MET A 289 -9.27 10.69 6.80
C MET A 289 -9.50 9.76 5.61
N TRP A 290 -8.70 8.68 5.56
CA TRP A 290 -8.82 7.67 4.52
C TRP A 290 -10.01 6.75 4.75
N GLN A 291 -10.58 6.76 5.95
CA GLN A 291 -11.75 5.95 6.24
C GLN A 291 -13.02 6.55 5.65
N GLY A 292 -12.96 7.80 5.18
CA GLY A 292 -14.09 8.46 4.56
C GLY A 292 -14.96 9.24 5.53
N THR A 293 -14.75 9.08 6.83
CA THR A 293 -15.66 9.62 7.82
C THR A 293 -15.52 11.12 8.03
N GLY A 294 -14.59 11.79 7.35
CA GLY A 294 -14.48 13.23 7.43
C GLY A 294 -13.10 13.79 7.70
N GLN A 295 -13.02 14.77 8.59
CA GLN A 295 -11.79 15.48 8.89
C GLN A 295 -11.34 15.18 10.32
N ALA A 296 -10.05 15.43 10.59
CA ALA A 296 -9.49 15.22 11.91
C ALA A 296 -8.30 16.13 12.12
N MET A 297 -8.15 16.65 13.34
CA MET A 297 -7.06 17.54 13.69
C MET A 297 -6.28 16.96 14.85
N TYR A 298 -4.97 16.90 14.69
CA TYR A 298 -4.04 16.40 15.68
C TYR A 298 -3.19 17.55 16.22
N ALA A 299 -2.31 17.22 17.12
CA ALA A 299 -1.51 18.19 17.86
C ALA A 299 -0.17 18.41 17.17
N PRO A 300 0.53 19.51 17.49
CA PRO A 300 1.79 19.82 16.81
C PRO A 300 2.81 18.70 16.96
N PRO A 301 3.72 18.57 16.00
CA PRO A 301 4.64 17.43 16.00
C PRO A 301 5.59 17.46 17.20
N ILE A 302 6.13 16.28 17.51
CA ILE A 302 6.99 16.12 18.67
C ILE A 302 8.33 16.83 18.46
N ASP A 303 9.04 17.00 19.56
CA ASP A 303 10.39 17.50 19.66
C ASP A 303 11.37 16.59 18.90
N GLY A 304 12.50 17.18 18.48
CA GLY A 304 13.61 16.41 17.97
C GLY A 304 13.49 16.02 16.51
N LYS A 305 14.52 15.33 16.03
CA LYS A 305 14.52 14.88 14.64
C LYS A 305 13.55 13.72 14.45
N ILE A 306 12.58 13.88 13.54
CA ILE A 306 11.71 12.78 13.13
C ILE A 306 12.26 12.21 11.83
N ASN A 307 12.41 10.89 11.77
CA ASN A 307 13.01 10.27 10.59
C ASN A 307 12.41 8.89 10.33
N CYS A 308 12.08 8.62 9.07
CA CYS A 308 11.61 7.33 8.59
C CYS A 308 12.32 7.01 7.27
N VAL A 309 12.90 5.83 7.16
CA VAL A 309 13.46 5.33 5.91
C VAL A 309 12.56 4.20 5.44
N SER A 310 11.99 4.33 4.25
CA SER A 310 11.02 3.37 3.75
C SER A 310 11.43 2.87 2.38
N ASN A 311 11.04 1.63 2.09
CA ASN A 311 11.22 1.03 0.78
C ASN A 311 10.05 1.39 -0.13
N ILE A 312 10.33 1.97 -1.29
CA ILE A 312 9.32 2.10 -2.32
C ILE A 312 9.30 0.82 -3.11
N THR A 313 8.20 0.07 -3.01
CA THR A 313 8.04 -1.20 -3.70
C THR A 313 6.86 -1.21 -4.65
N GLY A 314 6.14 -0.10 -4.80
CA GLY A 314 5.02 -0.05 -5.71
C GLY A 314 4.61 1.37 -6.04
N ILE A 315 3.92 1.50 -7.17
CA ILE A 315 3.39 2.80 -7.61
C ILE A 315 1.91 2.62 -7.97
N LEU A 316 1.12 3.64 -7.67
CA LEU A 316 -0.30 3.67 -7.99
C LEU A 316 -0.54 4.73 -9.06
N LEU A 317 -1.30 4.40 -10.10
CA LEU A 317 -1.40 5.25 -11.28
C LEU A 317 -2.83 5.28 -11.82
N THR A 318 -3.18 6.43 -12.41
CA THR A 318 -4.41 6.60 -13.17
C THR A 318 -4.04 7.13 -14.54
N ARG A 319 -4.68 6.60 -15.57
CA ARG A 319 -4.44 6.98 -16.95
C ARG A 319 -5.42 8.07 -17.37
N ASP A 320 -4.94 8.98 -18.22
CA ASP A 320 -5.76 10.08 -18.69
C ASP A 320 -6.70 9.62 -19.80
N GLY A 321 -7.72 10.44 -20.06
CA GLY A 321 -8.74 10.13 -21.05
C GLY A 321 -8.66 11.06 -22.25
N GLY A 322 -9.56 10.81 -23.21
CA GLY A 322 -9.60 11.56 -24.45
C GLY A 322 -8.47 11.27 -25.41
N ALA A 323 -7.45 10.54 -25.00
CA ALA A 323 -6.32 10.22 -25.86
C ALA A 323 -6.58 8.97 -26.71
N ASN A 324 -7.86 8.61 -26.89
CA ASN A 324 -8.19 7.44 -27.71
C ASN A 324 -7.53 7.52 -29.06
N ASN A 325 -7.51 8.71 -29.67
CA ASN A 325 -6.87 8.92 -30.96
C ASN A 325 -5.43 9.42 -30.85
N THR A 326 -5.00 9.87 -29.67
CA THR A 326 -3.73 10.56 -29.56
C THR A 326 -2.57 9.56 -29.59
N SER A 327 -1.38 10.07 -29.88
CA SER A 327 -0.18 9.27 -29.97
C SER A 327 0.35 8.80 -28.62
N ASN A 328 0.01 9.46 -27.52
CA ASN A 328 0.63 9.15 -26.24
C ASN A 328 -0.40 8.69 -25.23
N GLU A 329 0.10 8.11 -24.13
CA GLU A 329 -0.71 7.81 -22.96
C GLU A 329 -0.15 8.59 -21.79
N THR A 330 -1.03 9.08 -20.92
CA THR A 330 -0.67 9.94 -19.81
C THR A 330 -1.04 9.25 -18.49
N PHE A 331 -0.05 9.11 -17.61
CA PHE A 331 -0.22 8.49 -16.31
C PHE A 331 0.15 9.48 -15.21
N ARG A 332 -0.70 9.59 -14.19
CA ARG A 332 -0.47 10.41 -13.01
C ARG A 332 -0.55 9.56 -11.75
N PRO A 333 0.18 9.93 -10.70
CA PRO A 333 0.19 9.11 -9.47
C PRO A 333 -1.18 9.07 -8.80
N GLY A 334 -1.73 7.88 -8.68
CA GLY A 334 -3.02 7.66 -8.08
C GLY A 334 -2.92 7.40 -6.59
N GLY A 335 -4.03 6.91 -6.03
CA GLY A 335 -4.11 6.68 -4.60
C GLY A 335 -5.41 7.20 -4.02
N GLY A 336 -5.63 6.94 -2.72
CA GLY A 336 -6.85 7.35 -2.07
C GLY A 336 -7.59 6.17 -1.46
N ASP A 337 -7.95 5.21 -2.31
CA ASP A 337 -8.58 3.99 -1.84
C ASP A 337 -7.53 3.09 -1.21
N MET A 338 -7.62 2.86 0.10
CA MET A 338 -6.65 2.02 0.78
C MET A 338 -6.84 0.55 0.49
N ARG A 339 -7.98 0.15 -0.09
CA ARG A 339 -8.18 -1.24 -0.44
C ARG A 339 -7.14 -1.70 -1.46
N ASP A 340 -6.68 -0.81 -2.34
CA ASP A 340 -5.69 -1.20 -3.33
C ASP A 340 -4.33 -1.44 -2.70
N ASN A 341 -4.07 -0.83 -1.54
CA ASN A 341 -2.84 -1.10 -0.82
C ASN A 341 -2.80 -2.53 -0.29
N TRP A 342 -3.92 -3.01 0.25
CA TRP A 342 -3.97 -4.40 0.69
C TRP A 342 -3.98 -5.35 -0.50
N ARG A 343 -4.62 -4.95 -1.60
CA ARG A 343 -4.63 -5.76 -2.81
C ARG A 343 -3.23 -6.05 -3.32
N SER A 344 -2.29 -5.11 -3.12
CA SER A 344 -0.97 -5.26 -3.70
C SER A 344 -0.15 -6.31 -2.98
N GLU A 345 -0.50 -6.64 -1.74
CA GLU A 345 0.16 -7.69 -0.99
C GLU A 345 -0.68 -8.97 -0.89
N LEU A 346 -1.99 -8.88 -1.11
CA LEU A 346 -2.88 -10.03 -0.98
C LEU A 346 -3.25 -10.66 -2.31
N TYR A 347 -2.70 -10.16 -3.43
CA TYR A 347 -3.14 -10.59 -4.74
C TYR A 347 -2.94 -12.09 -4.98
N LYS A 348 -1.93 -12.69 -4.35
CA LYS A 348 -1.55 -14.07 -4.63
C LYS A 348 -2.30 -15.08 -3.78
N TYR A 349 -3.27 -14.65 -2.98
CA TYR A 349 -3.98 -15.54 -2.07
C TYR A 349 -5.46 -15.60 -2.42
N LYS A 350 -6.09 -16.71 -2.03
CA LYS A 350 -7.55 -16.81 -2.11
C LYS A 350 -8.01 -17.90 -1.16
N VAL A 351 -9.16 -17.67 -0.54
CA VAL A 351 -9.71 -18.58 0.45
C VAL A 351 -10.61 -19.59 -0.24
N VAL A 352 -10.45 -20.86 0.11
CA VAL A 352 -11.27 -21.92 -0.44
C VAL A 352 -11.73 -22.83 0.70
N GLN A 353 -12.91 -23.41 0.54
CA GLN A 353 -13.45 -24.37 1.49
C GLN A 353 -13.10 -25.78 1.05
N ILE A 354 -12.38 -26.50 1.91
CA ILE A 354 -12.14 -27.92 1.69
C ILE A 354 -13.49 -28.63 1.67
N GLU A 355 -13.82 -29.23 0.53
CA GLU A 355 -15.07 -29.97 0.38
C GLU A 355 -14.82 -31.46 0.59
#